data_9J4F
#
_entry.id   9J4F
#
_cell.length_a   1.00
_cell.length_b   1.00
_cell.length_c   1.00
_cell.angle_alpha   90.00
_cell.angle_beta   90.00
_cell.angle_gamma   90.00
#
_symmetry.space_group_name_H-M   'P 1'
#
_entity_poly.entity_id   1
_entity_poly.type   'polypeptide(L)'
_entity_poly.pdbx_seq_one_letter_code
;MADKAKPAKAANRTPPKSPGDPSKDRAAKRLSLESEGAGEGAAASPELSALEEAFRRFAVHGDARATGREMHGKNWSKLC
KDCQVIDGRNVTVTDVDIVFSKIKGKSCRTITFEQFQEVLEELAKKRFKDKSSEEAVREVHRLIEGKAPIISGVTKAISS
PTVSRLTDTTKFTGSHKERFDPSGKGKGKAGRVDLVDESGYVSGYKHAGTYDQKVQGGK
;
_entity_poly.pdbx_strand_id   A,B,C,E,D,F
#
# COMPACT_ATOMS: atom_id res chain seq x y z
N ARG A 69 -10.30 -4.96 38.66
CA ARG A 69 -10.20 -4.29 37.37
C ARG A 69 -10.94 -5.06 36.31
N GLU A 70 -11.92 -4.43 35.66
CA GLU A 70 -12.66 -5.12 34.62
C GLU A 70 -11.73 -5.58 33.50
N MET A 71 -10.95 -4.65 32.94
CA MET A 71 -9.96 -4.96 31.92
C MET A 71 -8.59 -4.64 32.46
N HIS A 72 -7.68 -5.61 32.42
CA HIS A 72 -6.34 -5.41 32.97
C HIS A 72 -5.34 -6.09 32.03
N GLY A 73 -4.54 -5.29 31.34
CA GLY A 73 -3.47 -5.78 30.50
C GLY A 73 -2.13 -5.43 31.11
N LYS A 74 -1.26 -6.40 31.17
CA LYS A 74 0.10 -6.24 31.65
C LYS A 74 1.04 -6.57 30.50
N ASN A 75 2.32 -6.79 30.81
CA ASN A 75 3.43 -6.53 29.90
C ASN A 75 3.11 -6.78 28.44
N TRP A 76 3.21 -5.73 27.63
CA TRP A 76 2.97 -5.76 26.18
C TRP A 76 1.74 -6.55 25.78
N SER A 77 0.65 -6.41 26.54
CA SER A 77 -0.59 -7.06 26.15
C SER A 77 -1.53 -6.07 25.49
N LYS A 78 -2.52 -6.60 24.78
CA LYS A 78 -3.45 -5.81 24.01
C LYS A 78 -4.84 -6.34 24.24
N LEU A 79 -5.78 -5.45 24.52
CA LEU A 79 -7.13 -5.83 24.88
C LEU A 79 -8.08 -4.82 24.30
N CYS A 80 -9.24 -5.27 23.83
CA CYS A 80 -10.21 -4.31 23.36
C CYS A 80 -11.59 -4.92 23.45
N LYS A 81 -12.59 -4.07 23.43
CA LYS A 81 -13.99 -4.44 23.50
C LYS A 81 -14.77 -3.51 22.61
N ASP A 82 -15.76 -4.04 21.91
CA ASP A 82 -16.51 -3.27 20.93
C ASP A 82 -15.56 -2.57 19.96
N CYS A 83 -14.55 -3.30 19.51
CA CYS A 83 -13.41 -2.74 18.81
C CYS A 83 -13.34 -3.23 17.37
N GLN A 84 -12.72 -2.41 16.53
CA GLN A 84 -12.38 -2.74 15.14
C GLN A 84 -10.93 -2.34 14.94
N VAL A 85 -10.09 -3.33 14.63
CA VAL A 85 -8.63 -3.16 14.65
C VAL A 85 -8.04 -3.70 13.35
N ILE A 86 -7.03 -2.99 12.84
CA ILE A 86 -6.19 -3.45 11.74
C ILE A 86 -4.74 -3.50 12.20
N ASP A 87 -4.51 -3.92 13.44
CA ASP A 87 -3.17 -4.16 13.95
C ASP A 87 -2.28 -4.84 12.92
N GLY A 88 -1.08 -4.30 12.73
CA GLY A 88 -0.10 -4.92 11.85
C GLY A 88 1.08 -4.06 11.47
N ARG A 89 2.23 -4.67 11.19
CA ARG A 89 3.46 -3.92 10.96
C ARG A 89 3.36 -3.01 9.74
N ASN A 90 3.05 -3.57 8.58
CA ASN A 90 2.81 -2.79 7.37
C ASN A 90 1.34 -2.89 7.03
N VAL A 91 0.66 -1.75 6.97
CA VAL A 91 -0.76 -1.69 6.69
C VAL A 91 -0.98 -0.76 5.51
N THR A 92 -1.63 -1.27 4.47
CA THR A 92 -1.94 -0.50 3.29
C THR A 92 -3.41 -0.68 2.97
N VAL A 93 -4.11 0.43 2.75
CA VAL A 93 -5.53 0.41 2.42
C VAL A 93 -5.71 1.30 1.20
N THR A 94 -6.29 0.75 0.15
CA THR A 94 -6.32 1.42 -1.14
C THR A 94 -7.66 1.21 -1.81
N ASP A 95 -8.20 2.27 -2.40
CA ASP A 95 -9.38 2.20 -3.25
C ASP A 95 -10.56 1.57 -2.51
N VAL A 96 -10.84 2.10 -1.33
CA VAL A 96 -11.91 1.61 -0.47
C VAL A 96 -12.98 2.68 -0.40
N ASP A 97 -14.24 2.27 -0.27
CA ASP A 97 -15.29 3.26 -0.05
C ASP A 97 -15.38 3.66 1.42
N ILE A 98 -15.51 2.70 2.32
CA ILE A 98 -15.56 2.95 3.76
C ILE A 98 -14.73 1.88 4.46
N VAL A 99 -13.79 2.29 5.30
CA VAL A 99 -12.93 1.31 5.96
C VAL A 99 -13.56 0.80 7.25
N PHE A 100 -13.75 1.67 8.23
CA PHE A 100 -14.41 1.33 9.47
C PHE A 100 -15.80 1.90 9.48
N SER A 101 -16.75 1.14 10.02
CA SER A 101 -18.10 1.66 10.18
C SER A 101 -18.73 0.96 11.37
N LYS A 102 -19.17 1.76 12.33
CA LYS A 102 -19.82 1.28 13.53
C LYS A 102 -21.05 2.14 13.74
N ILE A 103 -22.22 1.51 13.73
CA ILE A 103 -23.49 2.21 13.88
C ILE A 103 -24.21 1.65 15.10
N LYS A 104 -24.72 2.53 15.94
CA LYS A 104 -25.41 2.13 17.15
C LYS A 104 -26.57 3.07 17.45
N ARG B 69 11.25 7.63 -38.10
CA ARG B 69 11.36 7.74 -36.64
C ARG B 69 11.50 6.37 -36.02
N GLU B 70 12.58 6.14 -35.28
CA GLU B 70 12.77 4.85 -34.64
C GLU B 70 11.62 4.53 -33.69
N MET B 71 11.33 5.45 -32.76
CA MET B 71 10.21 5.31 -31.84
C MET B 71 9.24 6.44 -32.10
N HIS B 72 7.98 6.12 -32.34
CA HIS B 72 6.98 7.12 -32.65
C HIS B 72 5.68 6.74 -31.95
N GLY B 73 5.31 7.52 -30.93
CA GLY B 73 4.05 7.34 -30.24
C GLY B 73 3.12 8.52 -30.54
N LYS B 74 1.90 8.18 -30.88
CA LYS B 74 0.85 9.16 -31.14
C LYS B 74 -0.25 8.95 -30.11
N ASN B 75 -1.42 9.52 -30.36
CA ASN B 75 -2.36 9.93 -29.33
C ASN B 75 -2.38 9.04 -28.10
N TRP B 76 -2.03 9.62 -26.95
CA TRP B 76 -2.00 8.94 -25.65
C TRP B 76 -1.36 7.56 -25.69
N SER B 77 -0.28 7.41 -26.43
CA SER B 77 0.44 6.15 -26.43
C SER B 77 1.66 6.22 -25.54
N LYS B 78 2.18 5.05 -25.18
CA LYS B 78 3.28 4.93 -24.26
C LYS B 78 4.26 3.91 -24.81
N LEU B 79 5.53 4.26 -24.81
CA LEU B 79 6.56 3.42 -25.41
C LEU B 79 7.82 3.54 -24.58
N CYS B 80 8.54 2.44 -24.42
CA CYS B 80 9.80 2.54 -23.72
C CYS B 80 10.70 1.40 -24.17
N LYS B 81 11.98 1.59 -23.92
CA LYS B 81 13.01 0.62 -24.25
C LYS B 81 14.05 0.64 -23.16
N ASP B 82 14.56 -0.52 -22.80
CA ASP B 82 15.48 -0.65 -21.68
C ASP B 82 14.89 0.01 -20.43
N CYS B 83 13.62 -0.24 -20.19
CA CYS B 83 12.82 0.52 -19.24
C CYS B 83 12.36 -0.36 -18.09
N GLN B 84 12.13 0.28 -16.94
CA GLN B 84 11.53 -0.33 -15.76
C GLN B 84 10.44 0.61 -15.29
N VAL B 85 9.19 0.15 -15.30
CA VAL B 85 8.02 1.00 -15.11
C VAL B 85 7.10 0.40 -14.06
N ILE B 86 6.51 1.26 -13.23
CA ILE B 86 5.44 0.91 -12.31
C ILE B 86 4.21 1.76 -12.62
N ASP B 87 3.94 1.99 -13.89
CA ASP B 87 2.73 2.65 -14.34
C ASP B 87 1.51 2.18 -13.55
N GLY B 88 0.72 3.13 -13.06
CA GLY B 88 -0.54 2.79 -12.40
C GLY B 88 -1.17 3.92 -11.62
N ARG B 89 -2.50 3.89 -11.48
CA ARG B 89 -3.22 5.01 -10.87
C ARG B 89 -2.83 5.23 -9.42
N ASN B 90 -2.97 4.20 -8.58
CA ASN B 90 -2.52 4.24 -7.19
C ASN B 90 -1.32 3.33 -7.05
N VAL B 91 -0.18 3.87 -6.64
CA VAL B 91 1.04 3.11 -6.49
C VAL B 91 1.55 3.29 -5.07
N THR B 92 1.75 2.19 -4.36
CA THR B 92 2.27 2.20 -3.01
C THR B 92 3.42 1.22 -2.93
N VAL B 93 4.53 1.66 -2.37
CA VAL B 93 5.72 0.83 -2.21
C VAL B 93 6.17 0.99 -0.77
N THR B 94 6.29 -0.11 -0.06
CA THR B 94 6.50 -0.08 1.39
C THR B 94 7.48 -1.15 1.80
N ASP B 95 8.39 -0.79 2.69
CA ASP B 95 9.29 -1.76 3.34
C ASP B 95 10.08 -2.56 2.32
N VAL B 96 10.72 -1.85 1.39
CA VAL B 96 11.50 -2.44 0.32
C VAL B 96 12.95 -2.10 0.56
N ASP B 97 13.86 -3.00 0.16
CA ASP B 97 15.28 -2.65 0.25
C ASP B 97 15.72 -1.84 -0.97
N ILE B 98 15.45 -2.33 -2.18
CA ILE B 98 15.77 -1.62 -3.42
C ILE B 98 14.63 -1.80 -4.39
N VAL B 99 14.10 -0.70 -4.93
CA VAL B 99 12.95 -0.81 -5.82
C VAL B 99 13.39 -1.04 -7.26
N PHE B 100 14.09 -0.09 -7.85
CA PHE B 100 14.62 -0.22 -9.19
C PHE B 100 16.12 -0.45 -9.11
N SER B 101 16.62 -1.32 -9.98
CA SER B 101 18.06 -1.52 -10.05
C SER B 101 18.39 -1.94 -11.48
N LYS B 102 19.28 -1.17 -12.11
CA LYS B 102 19.74 -1.42 -13.46
C LYS B 102 21.26 -1.28 -13.45
N ILE B 103 21.96 -2.36 -13.78
CA ILE B 103 23.41 -2.38 -13.77
C ILE B 103 23.90 -2.72 -15.16
N LYS B 104 24.86 -1.97 -15.66
CA LYS B 104 25.40 -2.17 -16.99
C LYS B 104 26.90 -1.90 -17.04
N ARG C 69 -9.80 -0.12 39.45
CA ARG C 69 -9.68 0.55 38.16
C ARG C 69 -10.40 -0.23 37.08
N GLU C 70 -11.37 0.40 36.42
CA GLU C 70 -12.09 -0.29 35.36
C GLU C 70 -11.14 -0.76 34.26
N MET C 71 -10.34 0.15 33.71
CA MET C 71 -9.34 -0.17 32.70
C MET C 71 -7.98 0.15 33.27
N HIS C 72 -7.07 -0.81 33.27
CA HIS C 72 -5.74 -0.63 33.83
C HIS C 72 -4.73 -1.31 32.93
N GLY C 73 -3.91 -0.51 32.24
CA GLY C 73 -2.83 -1.01 31.43
C GLY C 73 -1.49 -0.66 32.05
N LYS C 74 -0.63 -1.65 32.14
CA LYS C 74 0.72 -1.49 32.64
C LYS C 74 1.69 -1.83 31.51
N ASN C 75 2.95 -2.04 31.85
CA ASN C 75 4.09 -1.80 30.96
C ASN C 75 3.79 -2.06 29.49
N TRP C 76 3.91 -1.01 28.68
CA TRP C 76 3.70 -1.06 27.23
C TRP C 76 2.47 -1.84 26.81
N SER C 77 1.37 -1.69 27.54
CA SER C 77 0.13 -2.33 27.13
C SER C 77 -0.79 -1.34 26.44
N LYS C 78 -1.77 -1.88 25.73
CA LYS C 78 -2.69 -1.09 24.93
C LYS C 78 -4.08 -1.62 25.15
N LEU C 79 -5.02 -0.72 25.40
CA LEU C 79 -6.38 -1.09 25.74
C LEU C 79 -7.32 -0.07 25.12
N CYS C 80 -8.46 -0.52 24.64
CA CYS C 80 -9.43 0.44 24.14
C CYS C 80 -10.81 -0.17 24.21
N LYS C 81 -11.81 0.71 24.17
CA LYS C 81 -13.21 0.32 24.22
C LYS C 81 -13.97 1.26 23.30
N ASP C 82 -14.94 0.72 22.59
CA ASP C 82 -15.67 1.49 21.59
C ASP C 82 -14.70 2.18 20.63
N CYS C 83 -13.69 1.43 20.19
CA CYS C 83 -12.53 2.00 19.53
C CYS C 83 -12.43 1.49 18.09
N GLN C 84 -11.79 2.31 17.26
CA GLN C 84 -11.43 1.97 15.89
C GLN C 84 -9.97 2.35 15.70
N VAL C 85 -9.12 1.36 15.41
CA VAL C 85 -7.68 1.53 15.46
C VAL C 85 -7.06 0.99 14.17
N ILE C 86 -6.03 1.68 13.69
CA ILE C 86 -5.18 1.21 12.60
C ILE C 86 -3.74 1.16 13.09
N ASP C 87 -3.53 0.74 14.33
CA ASP C 87 -2.21 0.50 14.87
C ASP C 87 -1.30 -0.19 13.86
N GLY C 88 -0.09 0.34 13.69
CA GLY C 88 0.90 -0.28 12.84
C GLY C 88 2.10 0.58 12.47
N ARG C 89 3.25 -0.06 12.22
CA ARG C 89 4.48 0.70 12.01
C ARG C 89 4.41 1.59 10.78
N ASN C 90 4.13 1.02 9.61
CA ASN C 90 3.91 1.80 8.39
C ASN C 90 2.44 1.71 8.02
N VAL C 91 1.77 2.85 7.96
CA VAL C 91 0.36 2.92 7.65
C VAL C 91 0.18 3.83 6.45
N THR C 92 -0.47 3.33 5.40
CA THR C 92 -0.76 4.09 4.20
C THR C 92 -2.23 3.92 3.87
N VAL C 93 -2.92 5.02 3.62
CA VAL C 93 -4.32 5.01 3.27
C VAL C 93 -4.48 5.90 2.05
N THR C 94 -5.04 5.34 0.98
CA THR C 94 -5.04 6.00 -0.31
C THR C 94 -6.37 5.79 -1.01
N ASP C 95 -6.89 6.85 -1.61
CA ASP C 95 -8.06 6.79 -2.49
C ASP C 95 -9.25 6.16 -1.77
N VAL C 96 -9.55 6.69 -0.60
CA VAL C 96 -10.64 6.22 0.25
C VAL C 96 -11.71 7.30 0.29
N ASP C 97 -12.97 6.89 0.40
CA ASP C 97 -14.02 7.88 0.59
C ASP C 97 -14.14 8.30 2.06
N ILE C 98 -14.28 7.33 2.96
CA ILE C 98 -14.35 7.60 4.40
C ILE C 98 -13.55 6.54 5.12
N VAL C 99 -12.62 6.94 5.98
CA VAL C 99 -11.78 5.96 6.66
C VAL C 99 -12.44 5.47 7.94
N PHE C 100 -12.65 6.35 8.91
CA PHE C 100 -13.33 6.01 10.15
C PHE C 100 -14.73 6.59 10.12
N SER C 101 -15.68 5.84 10.65
CA SER C 101 -17.03 6.36 10.78
C SER C 101 -17.68 5.67 11.96
N LYS C 102 -18.13 6.47 12.91
CA LYS C 102 -18.82 6.01 14.10
C LYS C 102 -20.05 6.87 14.29
N ILE C 103 -21.22 6.26 14.26
CA ILE C 103 -22.49 6.96 14.37
C ILE C 103 -23.23 6.41 15.58
N LYS C 104 -23.76 7.30 16.40
CA LYS C 104 -24.47 6.91 17.61
C LYS C 104 -25.63 7.85 17.88
N ARG D 69 13.29 11.93 -36.95
CA ARG D 69 13.36 12.05 -35.50
C ARG D 69 13.48 10.68 -34.86
N GLU D 70 14.55 10.46 -34.10
CA GLU D 70 14.72 9.16 -33.45
C GLU D 70 13.55 8.86 -32.52
N MET D 71 13.25 9.77 -31.60
CA MET D 71 12.11 9.65 -30.70
C MET D 71 11.15 10.78 -30.98
N HIS D 72 9.89 10.47 -31.25
CA HIS D 72 8.90 11.47 -31.58
C HIS D 72 7.58 11.10 -30.90
N GLY D 73 7.19 11.89 -29.91
CA GLY D 73 5.93 11.73 -29.23
C GLY D 73 5.01 12.89 -29.56
N LYS D 74 3.78 12.57 -29.92
CA LYS D 74 2.75 13.55 -30.21
C LYS D 74 1.64 13.34 -29.19
N ASN D 75 0.46 13.92 -29.48
CA ASN D 75 -0.50 14.35 -28.47
C ASN D 75 -0.53 13.46 -27.24
N TRP D 76 -0.21 14.05 -26.07
CA TRP D 76 -0.21 13.37 -24.77
C TRP D 76 0.42 11.99 -24.79
N SER D 77 1.53 11.83 -25.51
CA SER D 77 2.23 10.56 -25.49
C SER D 77 3.44 10.64 -24.58
N LYS D 78 3.94 9.46 -24.20
CA LYS D 78 5.04 9.35 -23.26
C LYS D 78 6.02 8.32 -23.78
N LEU D 79 7.29 8.65 -23.76
CA LEU D 79 8.32 7.81 -24.34
C LEU D 79 9.56 7.93 -23.48
N CYS D 80 10.28 6.83 -23.30
CA CYS D 80 11.52 6.93 -22.58
C CYS D 80 12.42 5.79 -23.00
N LYS D 81 13.71 5.97 -22.73
CA LYS D 81 14.74 5.00 -23.03
C LYS D 81 15.76 5.02 -21.91
N ASP D 82 16.26 3.86 -21.54
CA ASP D 82 17.15 3.72 -20.41
C ASP D 82 16.54 4.41 -19.17
N CYS D 83 15.26 4.16 -18.96
CA CYS D 83 14.46 4.92 -18.03
C CYS D 83 13.96 4.05 -16.88
N GLN D 84 13.72 4.70 -15.74
CA GLN D 84 13.09 4.10 -14.57
C GLN D 84 11.99 5.05 -14.12
N VAL D 85 10.74 4.60 -14.15
CA VAL D 85 9.57 5.45 -14.00
C VAL D 85 8.63 4.86 -12.96
N ILE D 86 8.03 5.73 -12.15
CA ILE D 86 6.94 5.39 -11.24
C ILE D 86 5.72 6.24 -11.58
N ASP D 87 5.48 6.46 -12.87
CA ASP D 87 4.27 7.13 -13.34
C ASP D 87 3.04 6.66 -12.57
N GLY D 88 2.24 7.62 -12.10
CA GLY D 88 0.98 7.29 -11.45
C GLY D 88 0.32 8.42 -10.69
N ARG D 89 -1.01 8.41 -10.59
CA ARG D 89 -1.74 9.53 -9.99
C ARG D 89 -1.37 9.75 -8.53
N ASN D 90 -1.52 8.73 -7.70
CA ASN D 90 -1.10 8.79 -6.30
C ASN D 90 0.08 7.86 -6.13
N VAL D 91 1.21 8.40 -5.70
CA VAL D 91 2.44 7.64 -5.53
C VAL D 91 2.91 7.83 -4.09
N THR D 92 3.11 6.73 -3.39
CA THR D 92 3.59 6.75 -2.02
C THR D 92 4.74 5.76 -1.90
N VAL D 93 5.84 6.20 -1.33
CA VAL D 93 7.02 5.37 -1.13
C VAL D 93 7.44 5.53 0.31
N THR D 94 7.55 4.44 1.04
CA THR D 94 7.72 4.48 2.48
C THR D 94 8.69 3.40 2.92
N ASP D 95 9.60 3.76 3.82
CA ASP D 95 10.47 2.80 4.49
C ASP D 95 11.29 1.98 3.49
N VAL D 96 11.93 2.69 2.57
CA VAL D 96 12.73 2.09 1.52
C VAL D 96 14.19 2.42 1.79
N ASP D 97 15.09 1.52 1.41
CA ASP D 97 16.51 1.85 1.51
C ASP D 97 16.98 2.66 0.31
N ILE D 98 16.74 2.17 -0.90
CA ILE D 98 17.08 2.87 -2.13
C ILE D 98 15.96 2.68 -3.13
N VAL D 99 15.44 3.79 -3.68
CA VAL D 99 14.31 3.68 -4.60
C VAL D 99 14.78 3.43 -6.03
N PHE D 100 15.50 4.38 -6.61
CA PHE D 100 16.06 4.24 -7.94
C PHE D 100 17.55 4.00 -7.83
N SER D 101 18.07 3.13 -8.69
CA SER D 101 19.51 2.92 -8.73
C SER D 101 19.86 2.49 -10.14
N LYS D 102 20.75 3.25 -10.76
CA LYS D 102 21.26 2.99 -12.10
C LYS D 102 22.76 3.13 -12.06
N ILE D 103 23.47 2.05 -12.37
CA ILE D 103 24.92 2.02 -12.33
C ILE D 103 25.43 1.66 -13.72
N LYS D 104 26.41 2.42 -14.20
CA LYS D 104 26.98 2.20 -15.52
C LYS D 104 28.47 2.46 -15.53
N ARG E 69 -10.74 -9.79 37.89
CA ARG E 69 -10.67 -9.10 36.61
C ARG E 69 -11.43 -9.87 35.55
N GLU E 70 -12.43 -9.25 34.93
CA GLU E 70 -13.19 -9.93 33.90
C GLU E 70 -12.27 -10.38 32.75
N MET E 71 -11.51 -9.45 32.18
CA MET E 71 -10.54 -9.75 31.14
C MET E 71 -9.16 -9.42 31.65
N HIS E 72 -8.25 -10.39 31.60
CA HIS E 72 -6.90 -10.19 32.12
C HIS E 72 -5.91 -10.86 31.16
N GLY E 73 -5.13 -10.04 30.46
CA GLY E 73 -4.08 -10.53 29.59
C GLY E 73 -2.72 -10.17 30.18
N LYS E 74 -1.85 -11.15 30.21
CA LYS E 74 -0.48 -10.99 30.66
C LYS E 74 0.44 -11.29 29.49
N ASN E 75 1.73 -11.50 29.78
CA ASN E 75 2.82 -11.25 28.86
C ASN E 75 2.47 -11.49 27.40
N TRP E 76 2.54 -10.43 26.58
CA TRP E 76 2.27 -10.46 25.15
C TRP E 76 1.04 -11.26 24.76
N SER E 77 -0.03 -11.12 25.53
CA SER E 77 -1.28 -11.77 25.17
C SER E 77 -2.24 -10.78 24.53
N LYS E 78 -3.23 -11.32 23.85
CA LYS E 78 -4.19 -10.52 23.10
C LYS E 78 -5.58 -11.06 23.36
N LEU E 79 -6.51 -10.18 23.67
CA LEU E 79 -7.86 -10.57 24.05
C LEU E 79 -8.82 -9.55 23.48
N CYS E 80 -9.98 -10.01 23.04
CA CYS E 80 -10.97 -9.05 22.59
C CYS E 80 -12.34 -9.67 22.70
N LYS E 81 -13.35 -8.82 22.72
CA LYS E 81 -14.74 -9.20 22.80
C LYS E 81 -15.54 -8.27 21.94
N ASP E 82 -16.55 -8.80 21.25
CA ASP E 82 -17.32 -8.04 20.28
C ASP E 82 -16.39 -7.32 19.31
N CYS E 83 -15.39 -8.05 18.83
CA CYS E 83 -14.27 -7.47 18.12
C CYS E 83 -14.21 -7.96 16.68
N GLN E 84 -13.62 -7.13 15.82
CA GLN E 84 -13.31 -7.45 14.44
C GLN E 84 -11.86 -7.06 14.20
N VAL E 85 -11.02 -8.03 13.87
CA VAL E 85 -9.57 -7.86 13.85
C VAL E 85 -8.99 -8.38 12.55
N ILE E 86 -7.99 -7.67 12.02
CA ILE E 86 -7.18 -8.12 10.90
C ILE E 86 -5.72 -8.16 11.33
N ASP E 87 -5.47 -8.59 12.55
CA ASP E 87 -4.12 -8.82 13.05
C ASP E 87 -3.24 -9.49 11.99
N GLY E 88 -2.05 -8.95 11.77
CA GLY E 88 -1.08 -9.56 10.88
C GLY E 88 0.09 -8.69 10.48
N ARG E 89 1.24 -9.30 10.18
CA ARG E 89 2.45 -8.54 9.93
C ARG E 89 2.32 -7.63 8.71
N ASN E 90 2.00 -8.19 7.55
CA ASN E 90 1.73 -7.40 6.36
C ASN E 90 0.25 -7.50 6.04
N VAL E 91 -0.44 -6.35 6.01
CA VAL E 91 -1.86 -6.30 5.75
C VAL E 91 -2.10 -5.38 4.58
N THR E 92 -2.78 -5.88 3.57
CA THR E 92 -3.12 -5.11 2.38
C THR E 92 -4.60 -5.29 2.09
N VAL E 93 -5.30 -4.18 1.88
CA VAL E 93 -6.72 -4.21 1.59
C VAL E 93 -6.94 -3.32 0.39
N THR E 94 -7.53 -3.85 -0.67
CA THR E 94 -7.58 -3.18 -1.95
C THR E 94 -8.94 -3.40 -2.60
N ASP E 95 -9.49 -2.33 -3.17
CA ASP E 95 -10.70 -2.40 -4.00
C ASP E 95 -11.86 -3.04 -3.24
N VAL E 96 -12.12 -2.53 -2.05
CA VAL E 96 -13.17 -3.03 -1.17
C VAL E 96 -14.24 -1.95 -1.07
N ASP E 97 -15.49 -2.37 -0.91
CA ASP E 97 -16.54 -1.39 -0.68
C ASP E 97 -16.61 -1.00 0.79
N ILE E 98 -16.71 -1.96 1.70
CA ILE E 98 -16.73 -1.72 3.14
C ILE E 98 -15.89 -2.79 3.81
N VAL E 99 -14.93 -2.39 4.64
CA VAL E 99 -14.05 -3.36 5.28
C VAL E 99 -14.66 -3.88 6.58
N PHE E 100 -14.84 -3.01 7.57
CA PHE E 100 -15.46 -3.36 8.82
C PHE E 100 -16.87 -2.79 8.86
N SER E 101 -17.79 -3.57 9.41
CA SER E 101 -19.13 -3.06 9.60
C SER E 101 -19.74 -3.76 10.79
N LYS E 102 -20.16 -2.97 11.77
CA LYS E 102 -20.80 -3.46 12.99
C LYS E 102 -22.02 -2.60 13.23
N ILE E 103 -23.19 -3.24 13.24
CA ILE E 103 -24.46 -2.54 13.41
C ILE E 103 -25.15 -3.12 14.64
N LYS E 104 -25.66 -2.23 15.49
CA LYS E 104 -26.32 -2.65 16.72
C LYS E 104 -27.48 -1.72 17.06
N ARG F 69 9.19 3.30 -39.22
CA ARG F 69 9.32 3.41 -37.78
C ARG F 69 9.48 2.04 -37.16
N GLU F 70 10.58 1.81 -36.45
CA GLU F 70 10.80 0.52 -35.81
C GLU F 70 9.66 0.19 -34.84
N MET F 71 9.39 1.09 -33.90
CA MET F 71 8.29 0.94 -32.96
C MET F 71 7.31 2.08 -33.19
N HIS F 72 6.04 1.74 -33.41
CA HIS F 72 5.03 2.75 -33.69
C HIS F 72 3.74 2.36 -32.97
N GLY F 73 3.39 3.13 -31.94
CA GLY F 73 2.15 2.95 -31.22
C GLY F 73 1.21 4.11 -31.50
N LYS F 74 -0.03 3.78 -31.82
CA LYS F 74 -1.07 4.76 -32.04
C LYS F 74 -2.15 4.53 -30.99
N ASN F 75 -3.33 5.10 -31.22
CA ASN F 75 -4.26 5.51 -30.16
C ASN F 75 -4.23 4.60 -28.94
N TRP F 76 -3.88 5.17 -27.80
CA TRP F 76 -3.82 4.49 -26.49
C TRP F 76 -3.17 3.11 -26.57
N SER F 77 -2.09 2.98 -27.32
CA SER F 77 -1.38 1.71 -27.35
C SER F 77 -0.13 1.79 -26.47
N LYS F 78 0.38 0.61 -26.14
CA LYS F 78 1.52 0.49 -25.24
C LYS F 78 2.48 -0.52 -25.81
N LEU F 79 3.76 -0.16 -25.85
CA LEU F 79 4.78 -0.99 -26.46
C LEU F 79 6.04 -0.88 -25.66
N CYS F 80 6.78 -1.97 -25.52
CA CYS F 80 8.06 -1.87 -24.85
C CYS F 80 8.95 -3.00 -25.32
N LYS F 81 10.24 -2.81 -25.10
CA LYS F 81 11.27 -3.77 -25.46
C LYS F 81 12.33 -3.75 -24.39
N ASP F 82 12.85 -4.91 -24.04
CA ASP F 82 13.79 -5.04 -22.94
C ASP F 82 13.23 -4.39 -21.68
N CYS F 83 11.95 -4.64 -21.42
CA CYS F 83 11.18 -3.91 -20.44
C CYS F 83 10.74 -4.79 -19.28
N GLN F 84 10.54 -4.15 -18.13
CA GLN F 84 9.96 -4.77 -16.94
C GLN F 84 8.88 -3.83 -16.44
N VAL F 85 7.63 -4.30 -16.43
CA VAL F 85 6.46 -3.45 -16.21
C VAL F 85 5.57 -4.07 -15.15
N ILE F 86 4.99 -3.21 -14.30
CA ILE F 86 3.94 -3.58 -13.36
C ILE F 86 2.71 -2.73 -13.63
N ASP F 87 2.41 -2.50 -14.91
CA ASP F 87 1.18 -1.83 -15.31
C ASP F 87 -0.02 -2.32 -14.51
N GLY F 88 -0.81 -1.38 -14.00
CA GLY F 88 -2.04 -1.72 -13.31
C GLY F 88 -2.67 -0.61 -12.51
N ARG F 89 -4.00 -0.63 -12.36
CA ARG F 89 -4.71 0.48 -11.72
C ARG F 89 -4.28 0.68 -10.27
N ASN F 90 -4.41 -0.34 -9.44
CA ASN F 90 -3.92 -0.30 -8.06
C ASN F 90 -2.72 -1.22 -7.95
N VAL F 91 -1.58 -0.67 -7.56
CA VAL F 91 -0.34 -1.42 -7.43
C VAL F 91 0.19 -1.25 -6.02
N THR F 92 0.41 -2.35 -5.33
CA THR F 92 0.96 -2.35 -3.99
C THR F 92 2.12 -3.32 -3.93
N VAL F 93 3.24 -2.88 -3.39
CA VAL F 93 4.43 -3.70 -3.26
C VAL F 93 4.92 -3.55 -1.84
N THR F 94 5.05 -4.66 -1.13
CA THR F 94 5.29 -4.63 0.31
C THR F 94 6.28 -5.70 0.70
N ASP F 95 7.22 -5.35 1.56
CA ASP F 95 8.13 -6.30 2.20
C ASP F 95 8.90 -7.10 1.15
N VAL F 96 9.52 -6.38 0.22
CA VAL F 96 10.27 -6.97 -0.88
C VAL F 96 11.74 -6.61 -0.67
N ASP F 97 12.64 -7.50 -1.08
CA ASP F 97 14.05 -7.16 -1.03
C ASP F 97 14.46 -6.34 -2.25
N ILE F 98 14.18 -6.83 -3.46
CA ILE F 98 14.47 -6.10 -4.69
C ILE F 98 13.30 -6.28 -5.65
N VAL F 99 12.76 -5.19 -6.16
CA VAL F 99 11.59 -5.29 -7.04
C VAL F 99 12.00 -5.51 -8.48
N PHE F 100 12.69 -4.55 -9.08
CA PHE F 100 13.20 -4.69 -10.44
C PHE F 100 14.70 -4.91 -10.39
N SER F 101 15.18 -5.76 -11.27
CA SER F 101 16.62 -5.96 -11.38
C SER F 101 16.92 -6.37 -12.81
N LYS F 102 17.79 -5.60 -13.46
CA LYS F 102 18.23 -5.84 -14.81
C LYS F 102 19.74 -5.68 -14.84
N ILE F 103 20.44 -6.76 -15.18
CA ILE F 103 21.90 -6.77 -15.21
C ILE F 103 22.35 -7.11 -16.62
N LYS F 104 23.31 -6.35 -17.12
CA LYS F 104 23.82 -6.55 -18.47
C LYS F 104 25.30 -6.26 -18.54
#